data_8OZ1
#
_entry.id   8OZ1
#
_cell.length_a   52.360
_cell.length_b   57.132
_cell.length_c   65.951
_cell.angle_alpha   90.000
_cell.angle_beta   98.528
_cell.angle_gamma   90.000
#
_symmetry.space_group_name_H-M   'P 1 21 1'
#
loop_
_entity.id
_entity.type
_entity.pdbx_description
1 polymer 'Cellulase, putative, cel5D'
2 non-polymer 'BORIC ACID'
3 non-polymer ~{N}-[(2~{S},3~{S},4~{S},5~{R})-2-(hydroxymethyl)-4,5,6-tris(oxidanyl)oxan-3-yl]-2-oxidanyl-ethanamide
4 non-polymer (1R,2S,3S,4S,5R,6R)-6-(HYDROXYMETHYL)CYCLOHEXANE-1,2,3,4,5-PENTOL
5 non-polymer alpha-D-xylopyranose
6 water water
#
_entity_poly.entity_id   1
_entity_poly.type   'polypeptide(L)'
_entity_poly.pdbx_seq_one_letter_code
;MGSSHHHHHHSSGLVPRGSHMASGLYPSYNTSPAAPDSTGMQSTAVQLAGKIRLGWNIGNTMEAIGGETAWGNPMVSNEL
LKLVKDSGFDAVRIPVAWDQYANQESAEISAAWLNRVKQVVQMAIDNELYVLINIHWDGGWLENNITPAKKDENNAKQKA
FWEQIATHLRDFDEHLLFAGTNEPNAENAEQMDVLNSYLQTFVDAVRSTGGKNAYRVLVLQGPVTDIEKTNELWTHMPAD
TATDRLMAEVHFYTPYNFALMRQDESWGKQFYYWGEGFLSTTDTERNPTWGEEATIDQLFDLMKTKFVDQGIPVVLGEFS
AMRRTNLTGDALTLHLAGRAYYHKYVTQQALARGLLPFYWDNGGNDNFSSGIFNRQQNTVFDQQVLDALLEGAGAQ
;
_entity_poly.pdbx_strand_id   A
#
# COMPACT_ATOMS: atom_id res chain seq x y z
N GLY A 24 -19.08 -24.68 -8.17
CA GLY A 24 -18.60 -23.47 -7.47
C GLY A 24 -19.65 -22.36 -7.45
N LEU A 25 -19.51 -21.43 -6.50
CA LEU A 25 -20.39 -20.28 -6.36
C LEU A 25 -20.36 -19.46 -7.66
N TYR A 26 -19.18 -19.33 -8.28
CA TYR A 26 -18.93 -18.55 -9.50
C TYR A 26 -18.27 -19.42 -10.56
N PRO A 27 -18.44 -19.05 -11.85
CA PRO A 27 -17.74 -19.76 -12.92
C PRO A 27 -16.24 -19.51 -12.81
N SER A 28 -15.48 -20.35 -13.50
CA SER A 28 -14.03 -20.14 -13.71
C SER A 28 -13.81 -18.92 -14.59
N TYR A 29 -12.89 -18.07 -14.17
CA TYR A 29 -12.39 -16.97 -15.01
C TYR A 29 -10.95 -17.20 -15.45
N ASN A 30 -10.46 -18.44 -15.25
CA ASN A 30 -9.12 -18.83 -15.75
C ASN A 30 -9.34 -19.48 -17.09
N THR A 31 -9.75 -18.64 -18.07
CA THR A 31 -10.29 -19.08 -19.36
C THR A 31 -9.21 -19.14 -20.45
N SER A 32 -8.04 -18.56 -20.23
CA SER A 32 -6.99 -18.59 -21.26
C SER A 32 -5.66 -18.87 -20.62
N PRO A 33 -5.51 -19.90 -19.77
CA PRO A 33 -4.23 -20.07 -19.10
C PRO A 33 -3.14 -20.22 -20.16
N ALA A 34 -2.00 -19.64 -19.87
CA ALA A 34 -0.89 -19.57 -20.82
C ALA A 34 0.31 -20.35 -20.31
N ALA A 35 1.10 -20.86 -21.25
CA ALA A 35 2.36 -21.50 -20.86
C ALA A 35 3.16 -20.54 -20.00
N PRO A 36 3.93 -21.04 -19.02
CA PRO A 36 4.75 -20.17 -18.19
C PRO A 36 5.77 -19.39 -19.02
N ASP A 37 6.02 -18.13 -18.62
CA ASP A 37 6.93 -17.23 -19.37
C ASP A 37 7.72 -16.44 -18.35
N SER A 38 9.05 -16.56 -18.37
CA SER A 38 9.92 -15.82 -17.49
C SER A 38 10.61 -14.66 -18.19
N THR A 39 10.22 -14.39 -19.42
CA THR A 39 10.79 -13.26 -20.17
C THR A 39 10.43 -11.94 -19.49
N GLY A 40 11.42 -11.15 -19.14
CA GLY A 40 11.22 -9.91 -18.39
C GLY A 40 10.81 -10.11 -16.94
N MET A 41 10.93 -11.35 -16.45
CA MET A 41 10.57 -11.77 -15.08
C MET A 41 11.78 -12.41 -14.38
N GLN A 42 12.98 -11.98 -14.69
CA GLN A 42 14.18 -12.66 -14.20
C GLN A 42 14.58 -12.26 -12.77
N SER A 43 13.97 -11.24 -12.14
CA SER A 43 14.42 -10.84 -10.80
C SER A 43 13.73 -11.69 -9.72
N THR A 44 14.50 -12.15 -8.74
CA THR A 44 13.90 -12.68 -7.51
C THR A 44 13.22 -11.54 -6.75
N ALA A 45 12.43 -11.87 -5.76
CA ALA A 45 11.81 -10.86 -4.90
C ALA A 45 12.87 -9.95 -4.29
N VAL A 46 13.97 -10.50 -3.78
CA VAL A 46 15.03 -9.71 -3.15
C VAL A 46 15.66 -8.81 -4.22
N GLN A 47 15.96 -9.33 -5.40
CA GLN A 47 16.55 -8.48 -6.43
C GLN A 47 15.58 -7.34 -6.80
N LEU A 48 14.31 -7.62 -6.96
CA LEU A 48 13.32 -6.60 -7.38
C LEU A 48 13.24 -5.57 -6.25
N ALA A 49 13.18 -5.99 -5.01
CA ALA A 49 13.10 -5.05 -3.87
C ALA A 49 14.26 -4.06 -3.90
N GLY A 50 15.45 -4.48 -4.30
CA GLY A 50 16.59 -3.61 -4.28
C GLY A 50 16.44 -2.48 -5.28
N LYS A 51 15.51 -2.59 -6.25
CA LYS A 51 15.29 -1.56 -7.27
C LYS A 51 14.30 -0.49 -6.80
N ILE A 52 13.69 -0.65 -5.62
CA ILE A 52 12.63 0.27 -5.14
C ILE A 52 13.06 0.93 -3.84
N ARG A 53 13.26 2.24 -3.85
CA ARG A 53 13.59 2.92 -2.60
C ARG A 53 12.47 3.84 -2.16
N LEU A 54 11.62 4.32 -3.06
CA LEU A 54 10.57 5.24 -2.68
C LEU A 54 9.35 5.01 -3.55
N GLY A 55 8.21 4.79 -2.90
CA GLY A 55 6.96 4.61 -3.63
C GLY A 55 5.93 5.68 -3.27
N TRP A 56 4.90 5.72 -4.08
CA TRP A 56 3.82 6.71 -3.93
C TRP A 56 2.49 6.00 -4.17
N ASN A 57 1.57 6.12 -3.22
CA ASN A 57 0.22 5.57 -3.38
C ASN A 57 -0.65 6.60 -4.15
N ILE A 58 -1.37 6.10 -5.11
CA ILE A 58 -2.45 6.87 -5.83
C ILE A 58 -3.73 6.80 -5.01
N GLY A 59 -3.68 7.47 -3.85
CA GLY A 59 -4.76 7.26 -2.90
C GLY A 59 -6.05 8.03 -3.29
N ASN A 60 -7.14 7.49 -2.82
CA ASN A 60 -8.50 8.03 -2.97
C ASN A 60 -8.80 8.19 -4.44
N THR A 61 -8.45 7.27 -5.31
CA THR A 61 -8.64 7.38 -6.74
C THR A 61 -9.29 6.10 -7.26
N MET A 62 -8.51 5.07 -7.68
CA MET A 62 -9.10 3.92 -8.34
C MET A 62 -9.82 3.01 -7.34
N GLU A 63 -9.57 3.20 -6.05
CA GLU A 63 -10.30 2.46 -5.02
C GLU A 63 -11.53 3.21 -4.50
N ALA A 64 -11.81 4.41 -5.01
CA ALA A 64 -12.93 5.19 -4.43
C ALA A 64 -14.26 4.51 -4.70
N ILE A 65 -15.11 4.44 -3.67
CA ILE A 65 -16.45 3.87 -3.75
C ILE A 65 -17.34 4.94 -4.38
N GLY A 66 -18.04 4.51 -5.43
CA GLY A 66 -18.81 5.38 -6.29
C GLY A 66 -18.10 5.69 -7.60
N GLY A 67 -16.83 5.37 -7.72
CA GLY A 67 -16.09 5.58 -8.97
C GLY A 67 -14.80 6.36 -8.78
N GLU A 68 -13.98 6.42 -9.81
CA GLU A 68 -12.59 6.92 -9.69
C GLU A 68 -12.53 8.37 -9.20
N THR A 69 -13.52 9.22 -9.59
CA THR A 69 -13.52 10.66 -9.22
C THR A 69 -14.40 10.93 -8.03
N ALA A 70 -15.03 9.90 -7.45
CA ALA A 70 -16.05 10.08 -6.40
C ALA A 70 -15.50 10.73 -5.15
N TRP A 71 -14.22 10.53 -4.83
CA TRP A 71 -13.60 11.04 -3.60
C TRP A 71 -12.72 12.26 -3.92
N GLY A 72 -13.00 12.94 -5.01
CA GLY A 72 -12.45 14.28 -5.19
C GLY A 72 -11.22 14.41 -6.04
N ASN A 73 -10.64 13.27 -6.46
CA ASN A 73 -9.45 13.37 -7.27
C ASN A 73 -9.84 13.20 -8.74
N PRO A 74 -8.97 13.65 -9.63
CA PRO A 74 -9.15 13.41 -11.05
C PRO A 74 -8.85 11.96 -11.43
N MET A 75 -9.38 11.55 -12.58
CA MET A 75 -8.96 10.25 -13.16
CA MET A 75 -8.97 10.29 -13.23
C MET A 75 -7.44 10.26 -13.28
N VAL A 76 -6.82 9.10 -13.00
CA VAL A 76 -5.37 9.00 -13.17
C VAL A 76 -4.99 9.39 -14.58
N SER A 77 -3.96 10.22 -14.71
CA SER A 77 -3.47 10.69 -16.00
C SER A 77 -2.01 10.36 -16.20
N ASN A 78 -1.61 10.35 -17.48
CA ASN A 78 -0.19 10.21 -17.80
C ASN A 78 0.61 11.34 -17.16
N GLU A 79 0.07 12.55 -17.17
CA GLU A 79 0.79 13.70 -16.64
C GLU A 79 1.08 13.50 -15.14
N LEU A 80 0.11 12.98 -14.40
CA LEU A 80 0.33 12.69 -12.96
C LEU A 80 1.46 11.66 -12.82
N LEU A 81 1.43 10.58 -13.59
CA LEU A 81 2.43 9.51 -13.45
C LEU A 81 3.82 9.98 -13.88
N LYS A 82 3.91 10.84 -14.90
CA LYS A 82 5.18 11.43 -15.28
C LYS A 82 5.70 12.33 -14.13
N LEU A 83 4.83 13.13 -13.51
CA LEU A 83 5.24 14.00 -12.40
C LEU A 83 5.73 13.17 -11.20
N VAL A 84 5.05 12.06 -10.88
CA VAL A 84 5.47 11.19 -9.78
C VAL A 84 6.88 10.65 -10.07
N LYS A 85 7.12 10.15 -11.28
CA LYS A 85 8.45 9.62 -11.63
CA LYS A 85 8.46 9.63 -11.64
C LYS A 85 9.48 10.78 -11.61
N ASP A 86 9.16 11.88 -12.25
CA ASP A 86 10.09 13.01 -12.35
C ASP A 86 10.43 13.55 -10.96
N SER A 87 9.51 13.42 -10.01
CA SER A 87 9.72 13.98 -8.67
C SER A 87 10.66 13.10 -7.84
N GLY A 88 10.93 11.86 -8.30
CA GLY A 88 11.94 11.00 -7.67
C GLY A 88 11.39 9.68 -7.12
N PHE A 89 10.12 9.39 -7.31
CA PHE A 89 9.58 8.08 -6.93
C PHE A 89 10.00 7.02 -7.95
N ASP A 90 10.19 5.79 -7.43
CA ASP A 90 10.55 4.61 -8.20
C ASP A 90 9.33 3.75 -8.51
N ALA A 91 8.27 3.91 -7.74
CA ALA A 91 7.15 2.97 -7.79
C ALA A 91 5.85 3.70 -7.42
N VAL A 92 4.75 3.12 -7.84
CA VAL A 92 3.43 3.50 -7.33
C VAL A 92 2.74 2.27 -6.78
N ARG A 93 2.07 2.45 -5.69
CA ARG A 93 1.03 1.53 -5.22
C ARG A 93 -0.33 2.06 -5.67
N ILE A 94 -1.10 1.28 -6.35
CA ILE A 94 -2.41 1.66 -6.88
C ILE A 94 -3.46 0.89 -6.15
N PRO A 95 -4.08 1.47 -5.10
CA PRO A 95 -5.28 0.92 -4.54
C PRO A 95 -6.35 0.80 -5.62
N VAL A 96 -7.03 -0.33 -5.73
CA VAL A 96 -8.07 -0.54 -6.73
C VAL A 96 -9.28 -1.19 -6.10
N ALA A 97 -10.47 -0.61 -6.44
CA ALA A 97 -11.75 -1.20 -6.11
C ALA A 97 -12.22 -2.11 -7.24
N TRP A 98 -13.00 -3.14 -6.90
CA TRP A 98 -13.43 -4.17 -7.84
C TRP A 98 -14.88 -4.56 -7.61
N ASP A 99 -15.25 -4.83 -6.35
CA ASP A 99 -16.57 -5.38 -6.05
C ASP A 99 -17.67 -4.52 -6.71
N GLN A 100 -17.62 -3.19 -6.60
CA GLN A 100 -18.70 -2.34 -7.14
C GLN A 100 -18.79 -2.44 -8.66
N TYR A 101 -17.74 -2.91 -9.33
CA TYR A 101 -17.68 -3.11 -10.78
C TYR A 101 -18.08 -4.53 -11.17
N ALA A 102 -18.44 -5.37 -10.21
CA ALA A 102 -18.71 -6.77 -10.50
C ALA A 102 -20.19 -7.09 -10.39
N ASN A 103 -20.64 -7.96 -11.28
CA ASN A 103 -21.95 -8.60 -11.19
C ASN A 103 -21.98 -9.46 -9.93
N GLN A 104 -22.96 -9.29 -9.06
CA GLN A 104 -22.93 -9.93 -7.75
C GLN A 104 -23.36 -11.38 -7.90
N GLU A 105 -23.99 -11.78 -8.99
CA GLU A 105 -24.39 -13.19 -9.19
C GLU A 105 -23.19 -14.01 -9.71
N SER A 106 -22.46 -13.46 -10.69
CA SER A 106 -21.41 -14.18 -11.44
C SER A 106 -19.99 -13.84 -10.98
N ALA A 107 -19.82 -12.74 -10.26
CA ALA A 107 -18.52 -12.13 -9.89
C ALA A 107 -17.75 -11.60 -11.12
N GLU A 108 -18.41 -11.45 -12.27
CA GLU A 108 -17.74 -10.93 -13.47
C GLU A 108 -17.48 -9.43 -13.28
N ILE A 109 -16.22 -9.02 -13.35
CA ILE A 109 -15.85 -7.61 -13.29
C ILE A 109 -16.10 -7.01 -14.67
N SER A 110 -16.68 -5.81 -14.69
CA SER A 110 -16.88 -5.04 -15.90
C SER A 110 -15.62 -5.06 -16.79
N ALA A 111 -15.75 -5.44 -18.07
CA ALA A 111 -14.64 -5.34 -19.02
C ALA A 111 -14.11 -3.92 -19.09
N ALA A 112 -15.01 -2.92 -19.07
CA ALA A 112 -14.52 -1.54 -19.19
C ALA A 112 -13.60 -1.16 -18.03
N TRP A 113 -13.93 -1.63 -16.82
CA TRP A 113 -13.10 -1.35 -15.65
C TRP A 113 -11.75 -2.10 -15.74
N LEU A 114 -11.79 -3.37 -16.16
CA LEU A 114 -10.51 -4.11 -16.31
C LEU A 114 -9.64 -3.40 -17.33
N ASN A 115 -10.25 -2.88 -18.40
CA ASN A 115 -9.47 -2.17 -19.40
C ASN A 115 -8.93 -0.85 -18.86
N ARG A 116 -9.71 -0.15 -18.03
CA ARG A 116 -9.27 1.12 -17.41
C ARG A 116 -8.06 0.89 -16.49
N VAL A 117 -8.14 -0.15 -15.66
CA VAL A 117 -6.99 -0.48 -14.80
C VAL A 117 -5.78 -0.84 -15.67
N LYS A 118 -5.97 -1.64 -16.71
CA LYS A 118 -4.87 -2.01 -17.60
C LYS A 118 -4.25 -0.74 -18.22
N GLN A 119 -5.09 0.21 -18.65
CA GLN A 119 -4.58 1.46 -19.22
C GLN A 119 -3.71 2.20 -18.20
N VAL A 120 -4.13 2.28 -16.95
CA VAL A 120 -3.36 2.99 -15.92
C VAL A 120 -2.01 2.27 -15.66
N VAL A 121 -2.08 0.94 -15.54
CA VAL A 121 -0.83 0.16 -15.40
C VAL A 121 0.12 0.44 -16.58
N GLN A 122 -0.42 0.44 -17.80
CA GLN A 122 0.42 0.70 -18.97
C GLN A 122 1.04 2.09 -18.87
N MET A 123 0.26 3.11 -18.51
CA MET A 123 0.85 4.45 -18.40
C MET A 123 1.96 4.48 -17.33
N ALA A 124 1.76 3.82 -16.19
CA ALA A 124 2.78 3.83 -15.14
C ALA A 124 4.07 3.19 -15.64
N ILE A 125 3.92 2.06 -16.33
CA ILE A 125 5.08 1.33 -16.86
C ILE A 125 5.76 2.14 -17.99
N ASP A 126 4.98 2.84 -18.81
CA ASP A 126 5.50 3.78 -19.83
C ASP A 126 6.41 4.84 -19.17
N ASN A 127 6.12 5.22 -17.93
CA ASN A 127 6.95 6.17 -17.18
C ASN A 127 8.00 5.49 -16.30
N GLU A 128 8.29 4.20 -16.56
CA GLU A 128 9.39 3.48 -15.90
C GLU A 128 9.16 3.40 -14.39
N LEU A 129 7.90 3.29 -13.98
CA LEU A 129 7.56 3.03 -12.57
C LEU A 129 7.28 1.54 -12.39
N TYR A 130 7.72 1.05 -11.22
CA TYR A 130 7.16 -0.19 -10.69
C TYR A 130 5.74 0.11 -10.23
N VAL A 131 4.88 -0.89 -10.28
CA VAL A 131 3.46 -0.76 -9.99
C VAL A 131 2.96 -1.89 -9.13
N LEU A 132 2.37 -1.60 -8.01
CA LEU A 132 1.73 -2.60 -7.15
C LEU A 132 0.22 -2.36 -7.21
N ILE A 133 -0.53 -3.29 -7.77
CA ILE A 133 -2.02 -3.23 -7.88
C ILE A 133 -2.53 -4.12 -6.76
N ASN A 134 -3.58 -3.74 -6.06
CA ASN A 134 -4.22 -4.56 -5.05
C ASN A 134 -5.72 -4.75 -5.31
N ILE A 135 -6.39 -5.49 -4.43
CA ILE A 135 -7.80 -5.29 -4.08
C ILE A 135 -7.76 -4.56 -2.79
N HIS A 136 -8.36 -3.31 -2.76
CA HIS A 136 -8.24 -2.47 -1.55
C HIS A 136 -9.28 -2.84 -0.52
N TRP A 137 -9.64 -1.89 0.36
CA TRP A 137 -10.76 -2.08 1.27
C TRP A 137 -11.98 -2.55 0.47
N ASP A 138 -12.30 -1.77 -0.57
CA ASP A 138 -13.24 -2.25 -1.60
C ASP A 138 -14.65 -2.38 -1.05
N GLY A 139 -15.01 -1.48 -0.13
CA GLY A 139 -16.28 -1.54 0.56
C GLY A 139 -16.41 -2.55 1.66
N GLY A 140 -15.35 -3.36 1.84
CA GLY A 140 -15.19 -4.21 3.04
C GLY A 140 -15.55 -5.67 2.83
N TRP A 141 -15.95 -6.08 1.62
CA TRP A 141 -16.46 -7.43 1.42
C TRP A 141 -15.47 -8.46 2.03
N LEU A 142 -14.20 -8.31 1.73
CA LEU A 142 -13.15 -9.17 2.33
C LEU A 142 -12.59 -8.52 3.60
N GLU A 143 -12.15 -7.29 3.46
CA GLU A 143 -11.33 -6.64 4.48
C GLU A 143 -11.98 -6.71 5.87
N ASN A 144 -13.31 -6.49 5.94
CA ASN A 144 -14.01 -6.42 7.22
C ASN A 144 -14.70 -7.74 7.57
N ASN A 145 -14.28 -8.82 6.88
CA ASN A 145 -14.95 -10.13 6.93
C ASN A 145 -13.91 -11.25 6.92
N ILE A 146 -12.93 -11.15 7.81
CA ILE A 146 -11.93 -12.22 8.01
C ILE A 146 -12.50 -13.19 9.05
N THR A 147 -13.56 -13.90 8.68
CA THR A 147 -14.37 -14.65 9.63
C THR A 147 -14.64 -16.05 9.08
N PRO A 148 -14.77 -17.05 9.98
CA PRO A 148 -15.17 -18.37 9.52
C PRO A 148 -16.48 -18.41 8.71
N ALA A 149 -17.44 -17.58 9.10
CA ALA A 149 -18.74 -17.55 8.41
C ALA A 149 -18.61 -17.08 6.96
N LYS A 150 -17.68 -16.16 6.68
CA LYS A 150 -17.53 -15.61 5.31
C LYS A 150 -16.39 -16.26 4.55
N LYS A 151 -15.67 -17.18 5.19
CA LYS A 151 -14.44 -17.75 4.60
C LYS A 151 -14.70 -18.34 3.20
N ASP A 152 -15.73 -19.20 3.06
CA ASP A 152 -15.94 -19.90 1.78
C ASP A 152 -16.38 -18.94 0.68
N GLU A 153 -17.36 -18.07 0.98
CA GLU A 153 -17.87 -17.16 -0.06
C GLU A 153 -16.79 -16.13 -0.42
N ASN A 154 -16.01 -15.69 0.55
CA ASN A 154 -14.93 -14.74 0.25
C ASN A 154 -13.79 -15.42 -0.53
N ASN A 155 -13.46 -16.67 -0.20
CA ASN A 155 -12.46 -17.37 -1.04
C ASN A 155 -12.96 -17.47 -2.47
N ALA A 156 -14.26 -17.73 -2.69
CA ALA A 156 -14.79 -17.87 -4.05
C ALA A 156 -14.66 -16.52 -4.79
N LYS A 157 -14.98 -15.41 -4.12
CA LYS A 157 -14.88 -14.09 -4.79
C LYS A 157 -13.41 -13.71 -4.99
N GLN A 158 -12.56 -13.97 -3.99
CA GLN A 158 -11.12 -13.71 -4.13
C GLN A 158 -10.56 -14.43 -5.34
N LYS A 159 -10.97 -15.70 -5.49
CA LYS A 159 -10.48 -16.51 -6.63
C LYS A 159 -11.00 -15.94 -7.95
N ALA A 160 -12.30 -15.68 -8.03
CA ALA A 160 -12.90 -15.16 -9.28
C ALA A 160 -12.30 -13.82 -9.65
N PHE A 161 -12.19 -12.94 -8.67
CA PHE A 161 -11.62 -11.62 -8.96
C PHE A 161 -10.17 -11.71 -9.41
N TRP A 162 -9.34 -12.42 -8.65
CA TRP A 162 -7.93 -12.52 -9.04
C TRP A 162 -7.72 -13.26 -10.36
N GLU A 163 -8.54 -14.28 -10.66
CA GLU A 163 -8.42 -14.92 -11.99
C GLU A 163 -8.56 -13.86 -13.09
N GLN A 164 -9.56 -12.99 -12.93
CA GLN A 164 -9.83 -11.94 -13.94
C GLN A 164 -8.72 -10.89 -13.97
N ILE A 165 -8.33 -10.37 -12.80
CA ILE A 165 -7.32 -9.33 -12.75
C ILE A 165 -6.01 -9.87 -13.37
N ALA A 166 -5.62 -11.05 -12.89
CA ALA A 166 -4.37 -11.65 -13.38
C ALA A 166 -4.44 -11.93 -14.86
N THR A 167 -5.54 -12.51 -15.34
CA THR A 167 -5.63 -12.80 -16.77
C THR A 167 -5.48 -11.50 -17.58
N HIS A 168 -6.14 -10.44 -17.14
CA HIS A 168 -6.20 -9.22 -17.95
CA HIS A 168 -6.18 -9.22 -17.95
C HIS A 168 -4.84 -8.51 -17.96
N LEU A 169 -4.08 -8.63 -16.84
CA LEU A 169 -2.82 -7.92 -16.70
C LEU A 169 -1.62 -8.87 -16.90
N ARG A 170 -1.86 -10.08 -17.45
CA ARG A 170 -0.85 -11.15 -17.47
C ARG A 170 0.41 -10.77 -18.26
N ASP A 171 0.31 -9.94 -19.30
CA ASP A 171 1.47 -9.73 -20.19
C ASP A 171 2.42 -8.64 -19.71
N PHE A 172 2.13 -7.93 -18.62
CA PHE A 172 3.11 -6.95 -18.12
C PHE A 172 4.32 -7.68 -17.52
N ASP A 173 5.46 -7.02 -17.65
CA ASP A 173 6.70 -7.61 -17.11
C ASP A 173 6.80 -7.34 -15.61
N GLU A 174 7.99 -7.58 -15.02
CA GLU A 174 8.14 -7.57 -13.57
C GLU A 174 8.01 -6.15 -12.97
N HIS A 175 7.81 -5.13 -13.80
CA HIS A 175 7.43 -3.81 -13.22
C HIS A 175 6.11 -3.91 -12.48
N LEU A 176 5.24 -4.84 -12.87
CA LEU A 176 3.93 -5.00 -12.20
C LEU A 176 3.98 -6.10 -11.15
N LEU A 177 3.61 -5.76 -9.95
CA LEU A 177 3.44 -6.64 -8.80
C LEU A 177 1.98 -6.69 -8.41
N PHE A 178 1.53 -7.75 -7.80
CA PHE A 178 0.16 -7.85 -7.26
C PHE A 178 0.17 -7.96 -5.77
N ALA A 179 -0.76 -7.34 -5.05
CA ALA A 179 -0.98 -7.40 -3.62
C ALA A 179 -2.36 -7.96 -3.37
N GLY A 180 -2.53 -9.06 -2.68
CA GLY A 180 -3.80 -9.76 -2.67
C GLY A 180 -4.95 -9.06 -1.90
N THR A 181 -4.60 -8.33 -0.88
CA THR A 181 -5.51 -7.64 0.05
C THR A 181 -4.86 -6.29 0.42
N ASN A 182 -5.57 -5.53 1.27
CA ASN A 182 -5.06 -4.24 1.76
C ASN A 182 -4.79 -4.33 3.26
N GLU A 183 -5.80 -4.15 4.12
CA GLU A 183 -5.67 -4.16 5.59
C GLU A 183 -6.61 -5.16 6.21
N PRO A 184 -6.46 -6.46 5.83
CA PRO A 184 -7.41 -7.47 6.29
C PRO A 184 -7.55 -7.48 7.82
N ASN A 185 -8.78 -7.37 8.32
CA ASN A 185 -9.08 -7.19 9.75
C ASN A 185 -9.01 -8.54 10.49
N ALA A 186 -7.80 -9.02 10.69
CA ALA A 186 -7.56 -10.24 11.47
C ALA A 186 -6.91 -9.86 12.80
N GLU A 187 -7.59 -10.15 13.90
CA GLU A 187 -7.17 -9.68 15.23
C GLU A 187 -6.79 -10.84 16.16
N ASN A 188 -6.94 -12.10 15.71
CA ASN A 188 -6.65 -13.24 16.59
C ASN A 188 -6.24 -14.40 15.68
N ALA A 189 -5.88 -15.52 16.30
CA ALA A 189 -5.38 -16.66 15.53
C ALA A 189 -6.46 -17.25 14.63
N GLU A 190 -7.71 -17.30 15.11
CA GLU A 190 -8.81 -17.85 14.31
C GLU A 190 -9.01 -17.03 13.03
N GLN A 191 -8.94 -15.72 13.14
CA GLN A 191 -9.08 -14.84 11.96
C GLN A 191 -7.81 -14.94 11.08
N MET A 192 -6.63 -14.99 11.70
CA MET A 192 -5.39 -15.20 10.96
C MET A 192 -5.48 -16.48 10.08
N ASP A 193 -6.09 -17.56 10.59
CA ASP A 193 -6.20 -18.78 9.77
C ASP A 193 -7.07 -18.52 8.55
N VAL A 194 -8.15 -17.72 8.71
CA VAL A 194 -8.98 -17.35 7.55
C VAL A 194 -8.17 -16.50 6.58
N LEU A 195 -7.43 -15.53 7.11
CA LEU A 195 -6.60 -14.68 6.24
C LEU A 195 -5.57 -15.50 5.47
N ASN A 196 -4.92 -16.48 6.16
CA ASN A 196 -3.99 -17.34 5.44
C ASN A 196 -4.67 -18.01 4.25
N SER A 197 -5.90 -18.45 4.42
CA SER A 197 -6.66 -19.05 3.31
C SER A 197 -6.92 -18.04 2.17
N TYR A 198 -7.30 -16.81 2.51
CA TYR A 198 -7.53 -15.78 1.48
C TYR A 198 -6.24 -15.51 0.70
N LEU A 199 -5.10 -15.49 1.40
CA LEU A 199 -3.81 -15.24 0.75
C LEU A 199 -3.40 -16.40 -0.15
N GLN A 200 -3.63 -17.63 0.33
CA GLN A 200 -3.36 -18.82 -0.52
C GLN A 200 -4.24 -18.82 -1.77
N THR A 201 -5.52 -18.43 -1.61
CA THR A 201 -6.40 -18.36 -2.77
C THR A 201 -5.88 -17.38 -3.83
N PHE A 202 -5.44 -16.21 -3.34
CA PHE A 202 -4.86 -15.21 -4.21
C PHE A 202 -3.69 -15.77 -5.03
N VAL A 203 -2.73 -16.39 -4.30
CA VAL A 203 -1.54 -16.91 -4.99
C VAL A 203 -1.96 -17.94 -6.03
N ASP A 204 -2.79 -18.89 -5.60
CA ASP A 204 -3.20 -19.98 -6.49
C ASP A 204 -3.88 -19.42 -7.76
N ALA A 205 -4.75 -18.42 -7.53
CA ALA A 205 -5.54 -17.88 -8.65
C ALA A 205 -4.57 -17.22 -9.66
N VAL A 206 -3.65 -16.41 -9.14
CA VAL A 206 -2.71 -15.72 -10.03
C VAL A 206 -1.91 -16.76 -10.80
N ARG A 207 -1.26 -17.68 -10.05
CA ARG A 207 -0.40 -18.67 -10.71
C ARG A 207 -1.16 -19.50 -11.74
N SER A 208 -2.44 -19.76 -11.50
CA SER A 208 -3.22 -20.63 -12.39
C SER A 208 -3.28 -20.03 -13.80
N THR A 209 -3.17 -18.71 -13.92
CA THR A 209 -3.33 -18.06 -15.22
C THR A 209 -2.08 -18.14 -16.09
N GLY A 210 -0.99 -18.59 -15.48
CA GLY A 210 0.21 -18.84 -16.27
C GLY A 210 0.81 -17.62 -16.93
N GLY A 211 1.51 -17.83 -18.03
CA GLY A 211 2.27 -16.77 -18.67
C GLY A 211 3.27 -16.16 -17.70
N LYS A 212 3.42 -14.84 -17.74
CA LYS A 212 4.30 -14.13 -16.82
C LYS A 212 3.81 -14.21 -15.39
N ASN A 213 2.53 -14.51 -15.21
CA ASN A 213 1.99 -14.65 -13.86
C ASN A 213 2.52 -15.94 -13.16
N ALA A 214 3.20 -16.82 -13.91
CA ALA A 214 3.89 -17.96 -13.31
C ALA A 214 5.06 -17.48 -12.44
N TYR A 215 5.58 -16.28 -12.76
CA TYR A 215 6.83 -15.76 -12.15
C TYR A 215 6.64 -14.46 -11.38
N ARG A 216 5.49 -13.81 -11.52
CA ARG A 216 5.34 -12.46 -11.00
C ARG A 216 5.52 -12.44 -9.47
N VAL A 217 6.18 -11.39 -8.99
CA VAL A 217 6.27 -11.15 -7.56
C VAL A 217 4.89 -10.78 -6.99
N LEU A 218 4.50 -11.44 -5.92
CA LEU A 218 3.23 -11.25 -5.23
C LEU A 218 3.51 -10.79 -3.82
N VAL A 219 2.60 -9.96 -3.27
CA VAL A 219 2.79 -9.30 -1.99
C VAL A 219 1.62 -9.68 -1.11
N LEU A 220 1.93 -10.19 0.07
CA LEU A 220 0.96 -10.73 1.03
C LEU A 220 0.96 -9.87 2.28
N GLN A 221 -0.25 -9.61 2.78
CA GLN A 221 -0.47 -8.66 3.88
C GLN A 221 -0.53 -9.32 5.26
N GLY A 222 0.22 -8.76 6.21
CA GLY A 222 0.07 -9.17 7.59
C GLY A 222 -1.30 -8.76 8.11
N PRO A 223 -1.74 -9.30 9.25
CA PRO A 223 -3.03 -9.00 9.86
C PRO A 223 -3.10 -7.52 10.21
N VAL A 224 -4.13 -6.86 9.66
CA VAL A 224 -4.40 -5.40 9.74
C VAL A 224 -3.25 -4.62 9.17
N THR A 225 -2.34 -5.27 8.41
CA THR A 225 -1.02 -4.69 8.09
C THR A 225 -0.38 -4.03 9.30
N ASP A 226 -0.62 -4.57 10.50
CA ASP A 226 -0.07 -3.98 11.73
C ASP A 226 1.18 -4.75 12.13
N ILE A 227 2.28 -4.05 12.39
CA ILE A 227 3.55 -4.73 12.69
C ILE A 227 3.37 -5.62 13.92
N GLU A 228 2.79 -5.15 15.01
CA GLU A 228 2.74 -5.97 16.24
CA GLU A 228 2.68 -5.93 16.26
C GLU A 228 1.80 -7.16 16.03
N LYS A 229 0.68 -6.99 15.35
CA LYS A 229 -0.22 -8.12 15.15
C LYS A 229 0.44 -9.14 14.22
N THR A 230 1.16 -8.68 13.23
CA THR A 230 1.94 -9.54 12.32
C THR A 230 2.97 -10.33 13.11
N ASN A 231 3.73 -9.67 13.93
CA ASN A 231 4.73 -10.33 14.74
C ASN A 231 4.06 -11.39 15.60
N GLU A 232 2.88 -11.14 16.14
CA GLU A 232 2.20 -12.07 17.07
C GLU A 232 1.53 -13.24 16.34
N LEU A 233 0.97 -13.05 15.16
CA LEU A 233 -0.02 -13.98 14.57
C LEU A 233 0.48 -14.64 13.27
N TRP A 234 1.37 -14.00 12.53
CA TRP A 234 1.83 -14.51 11.23
C TRP A 234 2.68 -15.75 11.44
N THR A 235 2.43 -16.80 10.66
CA THR A 235 3.34 -17.96 10.78
C THR A 235 3.97 -18.40 9.49
N HIS A 236 3.32 -18.22 8.37
CA HIS A 236 3.88 -18.72 7.12
C HIS A 236 3.38 -17.96 5.90
N MET A 237 4.21 -17.94 4.86
CA MET A 237 3.76 -17.57 3.52
C MET A 237 2.88 -18.65 2.96
N PRO A 238 1.99 -18.30 2.03
CA PRO A 238 1.33 -19.28 1.20
C PRO A 238 2.36 -20.15 0.46
N ALA A 239 1.92 -21.37 0.17
CA ALA A 239 2.67 -22.20 -0.78
C ALA A 239 2.64 -21.59 -2.16
N ASP A 240 3.73 -21.71 -2.90
CA ASP A 240 3.90 -21.12 -4.21
C ASP A 240 4.60 -22.11 -5.12
N THR A 241 4.12 -22.25 -6.35
CA THR A 241 4.85 -22.96 -7.42
C THR A 241 6.09 -22.22 -7.85
N ALA A 242 6.11 -20.89 -7.75
CA ALA A 242 7.30 -20.09 -8.01
C ALA A 242 8.25 -20.17 -6.80
N THR A 243 9.48 -19.82 -7.02
CA THR A 243 10.49 -19.76 -5.97
C THR A 243 10.95 -18.33 -5.72
N ASP A 244 10.92 -17.91 -4.47
CA ASP A 244 11.52 -16.61 -4.12
C ASP A 244 10.77 -15.47 -4.85
N ARG A 245 9.45 -15.58 -4.95
CA ARG A 245 8.68 -14.51 -5.63
CA ARG A 245 8.65 -14.54 -5.64
C ARG A 245 7.64 -13.91 -4.71
N LEU A 246 7.86 -13.89 -3.42
CA LEU A 246 6.89 -13.32 -2.48
C LEU A 246 7.52 -12.25 -1.62
N MET A 247 6.69 -11.23 -1.29
CA MET A 247 7.04 -10.21 -0.30
C MET A 247 5.91 -10.10 0.73
N ALA A 248 6.24 -9.61 1.91
CA ALA A 248 5.23 -9.30 2.94
C ALA A 248 4.96 -7.80 2.87
N GLU A 249 3.79 -7.41 3.40
CA GLU A 249 3.38 -6.00 3.44
C GLU A 249 2.85 -5.66 4.84
N VAL A 250 3.36 -4.55 5.38
CA VAL A 250 2.81 -3.90 6.58
C VAL A 250 2.64 -2.41 6.25
N HIS A 251 1.78 -1.77 7.04
CA HIS A 251 1.55 -0.33 6.95
C HIS A 251 2.03 0.28 8.22
N PHE A 252 1.91 1.60 8.33
CA PHE A 252 2.46 2.31 9.50
C PHE A 252 1.81 3.68 9.68
N TYR A 253 1.27 3.89 10.87
CA TYR A 253 0.66 5.17 11.25
C TYR A 253 1.09 5.51 12.68
N THR A 254 2.12 4.86 13.21
CA THR A 254 2.54 5.05 14.60
C THR A 254 3.30 6.37 14.74
N PRO A 255 2.99 7.22 15.75
CA PRO A 255 1.81 7.08 16.62
C PRO A 255 0.57 7.71 15.96
N TYR A 256 -0.54 7.03 16.06
CA TYR A 256 -1.81 7.46 15.47
C TYR A 256 -2.11 8.91 15.88
N ASN A 257 -1.83 9.25 17.12
CA ASN A 257 -2.16 10.57 17.66
C ASN A 257 -1.54 11.67 16.82
N PHE A 258 -0.37 11.41 16.28
CA PHE A 258 0.32 12.38 15.43
C PHE A 258 -0.18 12.21 14.00
N ALA A 259 -0.15 10.99 13.47
CA ALA A 259 -0.26 10.82 12.02
C ALA A 259 -1.67 11.07 11.48
N LEU A 260 -2.70 10.63 12.22
CA LEU A 260 -4.07 10.65 11.66
C LEU A 260 -5.14 11.24 12.58
N MET A 261 -4.89 11.39 13.86
CA MET A 261 -5.99 11.68 14.81
CA MET A 261 -5.91 11.71 14.86
C MET A 261 -6.44 13.13 14.64
N ARG A 262 -7.74 13.33 14.41
CA ARG A 262 -8.32 14.63 13.99
C ARG A 262 -9.03 15.38 15.12
N GLN A 263 -9.17 14.77 16.28
CA GLN A 263 -9.87 15.36 17.43
C GLN A 263 -9.36 14.70 18.69
N ASP A 264 -9.33 15.41 19.82
CA ASP A 264 -8.91 14.86 21.12
C ASP A 264 -10.01 13.88 21.51
N GLU A 265 -9.63 12.86 22.26
CA GLU A 265 -10.56 11.83 22.77
C GLU A 265 -10.37 11.62 24.28
N SER A 266 -11.23 10.81 24.90
CA SER A 266 -11.21 10.63 26.36
C SER A 266 -9.90 9.91 26.71
N TRP A 267 -9.51 9.02 25.81
CA TRP A 267 -8.34 8.15 25.93
C TRP A 267 -7.04 8.81 25.40
N GLY A 268 -7.09 10.00 24.77
CA GLY A 268 -5.83 10.68 24.44
C GLY A 268 -5.99 11.90 23.57
N LYS A 269 -4.88 12.61 23.36
CA LYS A 269 -4.81 13.93 22.71
C LYS A 269 -4.08 13.81 21.37
N GLN A 270 -4.43 14.68 20.43
CA GLN A 270 -3.69 14.85 19.18
C GLN A 270 -2.24 15.27 19.51
N PHE A 271 -1.25 14.71 18.79
CA PHE A 271 0.06 15.32 18.85
C PHE A 271 0.21 16.18 17.61
N TYR A 272 0.62 17.43 17.78
CA TYR A 272 0.89 18.36 16.68
C TYR A 272 2.35 18.32 16.24
N TYR A 273 3.22 17.76 17.11
CA TYR A 273 4.68 17.88 16.98
C TYR A 273 5.26 16.48 17.11
N TRP A 274 6.40 16.26 16.46
CA TRP A 274 7.08 14.95 16.53
C TRP A 274 8.52 15.17 16.14
N GLY A 275 9.43 14.52 16.84
CA GLY A 275 10.83 14.48 16.45
C GLY A 275 11.69 15.20 17.44
N GLU A 276 12.81 14.62 17.86
CA GLU A 276 13.77 15.34 18.71
C GLU A 276 14.09 16.65 18.02
N GLY A 277 14.08 17.73 18.77
CA GLY A 277 14.41 19.04 18.19
C GLY A 277 13.34 19.59 17.26
N PHE A 278 12.14 18.99 17.27
CA PHE A 278 10.95 19.61 16.68
C PHE A 278 9.77 19.57 17.68
N LEU A 279 10.08 19.59 18.97
CA LEU A 279 9.10 19.52 20.06
C LEU A 279 8.81 20.95 20.59
N SER A 280 7.60 21.18 21.10
CA SER A 280 7.15 22.51 21.58
C SER A 280 7.72 22.70 22.98
N THR A 281 8.26 23.91 23.26
CA THR A 281 8.67 24.30 24.61
C THR A 281 7.46 24.95 25.28
N THR A 282 6.46 25.40 24.49
CA THR A 282 5.31 26.15 25.01
C THR A 282 4.13 25.18 25.24
N ASP A 283 3.51 24.64 24.19
CA ASP A 283 2.36 23.71 24.36
C ASP A 283 2.89 22.29 24.36
N THR A 284 3.48 21.92 25.50
CA THR A 284 4.08 20.60 25.74
C THR A 284 3.02 19.50 25.71
N GLU A 285 1.74 19.80 25.93
CA GLU A 285 0.68 18.76 25.93
C GLU A 285 0.36 18.28 24.48
N ARG A 286 0.95 18.91 23.45
CA ARG A 286 0.78 18.53 22.03
C ARG A 286 2.02 17.82 21.51
N ASN A 287 3.03 17.63 22.38
CA ASN A 287 4.17 16.77 22.08
C ASN A 287 3.78 15.31 22.34
N PRO A 288 4.44 14.33 21.67
CA PRO A 288 4.12 12.93 21.88
C PRO A 288 4.48 12.46 23.29
N THR A 289 3.62 11.59 23.86
CA THR A 289 3.87 10.87 25.10
C THR A 289 4.34 9.45 24.78
N TRP A 290 4.34 9.05 23.51
CA TRP A 290 4.83 7.70 23.11
C TRP A 290 5.07 7.73 21.60
N GLY A 291 5.64 6.67 21.03
CA GLY A 291 5.72 6.50 19.58
C GLY A 291 6.73 7.42 18.90
N GLU A 292 7.85 7.72 19.57
CA GLU A 292 8.93 8.54 18.98
C GLU A 292 9.96 7.64 18.31
N GLU A 293 11.12 8.18 17.98
CA GLU A 293 12.12 7.54 17.11
C GLU A 293 12.41 6.08 17.56
N ALA A 294 12.67 5.89 18.86
CA ALA A 294 13.08 4.57 19.38
C ALA A 294 11.98 3.55 19.12
N THR A 295 10.71 3.97 19.16
CA THR A 295 9.61 3.04 18.93
C THR A 295 9.52 2.67 17.43
N ILE A 296 9.78 3.65 16.57
CA ILE A 296 9.76 3.39 15.14
C ILE A 296 10.85 2.32 14.87
N ASP A 297 12.04 2.53 15.43
CA ASP A 297 13.15 1.60 15.16
C ASP A 297 12.79 0.19 15.67
N GLN A 298 12.21 0.12 16.86
CA GLN A 298 11.80 -1.13 17.50
C GLN A 298 10.81 -1.91 16.65
N LEU A 299 9.83 -1.20 16.12
CA LEU A 299 8.79 -1.87 15.33
C LEU A 299 9.40 -2.36 14.02
N PHE A 300 10.18 -1.52 13.36
CA PHE A 300 10.77 -1.93 12.08
C PHE A 300 11.74 -3.12 12.30
N ASP A 301 12.48 -3.10 13.40
CA ASP A 301 13.36 -4.25 13.72
C ASP A 301 12.55 -5.53 13.83
N LEU A 302 11.33 -5.52 14.35
CA LEU A 302 10.54 -6.76 14.40
C LEU A 302 10.39 -7.34 13.00
N MET A 303 10.20 -6.50 11.98
CA MET A 303 9.96 -6.96 10.62
C MET A 303 11.27 -7.36 9.94
N LYS A 304 12.33 -6.68 10.26
CA LYS A 304 13.66 -7.08 9.79
C LYS A 304 13.97 -8.50 10.30
N THR A 305 13.66 -8.74 11.55
CA THR A 305 13.95 -10.04 12.17
C THR A 305 13.07 -11.11 11.52
N LYS A 306 11.76 -10.83 11.36
CA LYS A 306 10.80 -11.88 10.98
C LYS A 306 10.89 -12.19 9.49
N PHE A 307 11.08 -11.14 8.68
CA PHE A 307 11.00 -11.27 7.23
C PHE A 307 12.30 -10.97 6.53
N VAL A 308 12.83 -9.77 6.65
CA VAL A 308 13.92 -9.32 5.77
C VAL A 308 15.12 -10.26 5.93
N ASP A 309 15.52 -10.51 7.16
CA ASP A 309 16.72 -11.33 7.41
C ASP A 309 16.44 -12.83 7.31
N GLN A 310 15.27 -13.24 6.89
CA GLN A 310 14.94 -14.58 6.41
C GLN A 310 14.81 -14.62 4.89
N GLY A 311 15.18 -13.52 4.22
CA GLY A 311 15.15 -13.42 2.75
C GLY A 311 13.80 -13.01 2.13
N ILE A 312 12.92 -12.43 2.96
CA ILE A 312 11.60 -11.98 2.48
C ILE A 312 11.54 -10.45 2.59
N PRO A 313 11.54 -9.72 1.44
CA PRO A 313 11.40 -8.27 1.52
C PRO A 313 10.04 -7.86 2.08
N VAL A 314 10.06 -6.68 2.69
CA VAL A 314 8.83 -6.12 3.28
C VAL A 314 8.46 -4.83 2.57
N VAL A 315 7.23 -4.78 2.06
CA VAL A 315 6.66 -3.56 1.48
C VAL A 315 6.01 -2.80 2.65
N LEU A 316 6.50 -1.57 2.90
CA LEU A 316 5.80 -0.67 3.82
C LEU A 316 4.79 0.10 2.95
N GLY A 317 3.66 -0.53 2.74
CA GLY A 317 2.77 -0.14 1.67
C GLY A 317 2.00 1.17 1.88
N GLU A 318 1.96 1.65 3.09
CA GLU A 318 1.13 2.86 3.36
C GLU A 318 1.66 3.46 4.64
N PHE A 319 2.07 4.74 4.60
CA PHE A 319 2.44 5.53 5.75
C PHE A 319 2.28 7.01 5.35
N SER A 320 1.88 7.84 6.32
CA SER A 320 1.98 9.31 6.20
C SER A 320 1.34 9.90 7.45
N ALA A 321 1.85 11.06 7.80
CA ALA A 321 1.32 11.90 8.86
C ALA A 321 0.65 13.08 8.14
N MET A 322 -0.63 13.27 8.40
CA MET A 322 -1.41 14.31 7.70
C MET A 322 -0.99 15.72 8.12
N ARG A 323 -1.26 16.65 7.20
CA ARG A 323 -0.99 18.07 7.46
C ARG A 323 -2.08 18.68 8.37
N ARG A 324 -1.63 19.44 9.36
CA ARG A 324 -2.52 20.13 10.29
C ARG A 324 -2.53 21.61 9.91
N THR A 325 -3.19 21.95 8.83
CA THR A 325 -3.16 23.35 8.40
C THR A 325 -4.24 24.15 9.19
N ASN A 326 -4.98 23.53 10.13
CA ASN A 326 -5.90 24.19 11.09
C ASN A 326 -5.12 24.79 12.26
N LEU A 327 -3.80 24.60 12.31
CA LEU A 327 -2.93 25.27 13.28
C LEU A 327 -2.46 26.58 12.69
N THR A 328 -1.85 27.39 13.55
CA THR A 328 -1.44 28.67 13.03
C THR A 328 -0.11 29.11 13.64
N GLY A 329 0.60 29.99 12.89
CA GLY A 329 1.73 30.79 13.39
C GLY A 329 2.96 29.90 13.61
N ASP A 330 3.62 30.05 14.78
CA ASP A 330 4.84 29.31 15.15
C ASP A 330 4.51 27.82 15.35
N ALA A 331 3.36 27.56 15.99
CA ALA A 331 2.83 26.20 16.14
C ALA A 331 2.71 25.51 14.77
N LEU A 332 2.21 26.20 13.75
CA LEU A 332 2.07 25.57 12.42
C LEU A 332 3.46 25.27 11.84
N THR A 333 4.39 26.21 11.95
CA THR A 333 5.76 26.12 11.40
C THR A 333 6.44 24.89 12.02
N LEU A 334 6.27 24.79 13.36
CA LEU A 334 6.91 23.71 14.17
C LEU A 334 6.25 22.39 13.77
N HIS A 335 4.91 22.32 13.74
CA HIS A 335 4.19 21.17 13.18
C HIS A 335 4.72 20.76 11.81
N LEU A 336 4.95 21.67 10.89
CA LEU A 336 5.26 21.27 9.52
C LEU A 336 6.71 20.74 9.46
N ALA A 337 7.58 21.26 10.32
CA ALA A 337 9.01 20.91 10.36
C ALA A 337 9.14 19.50 10.93
N GLY A 338 8.36 19.18 11.97
CA GLY A 338 8.39 17.84 12.58
C GLY A 338 7.67 16.83 11.72
N ARG A 339 6.63 17.25 11.00
CA ARG A 339 5.96 16.36 10.05
C ARG A 339 6.92 15.99 8.93
N ALA A 340 7.69 16.93 8.40
CA ALA A 340 8.67 16.65 7.35
C ALA A 340 9.69 15.66 7.93
N TYR A 341 10.18 15.95 9.14
CA TYR A 341 11.14 15.07 9.79
C TYR A 341 10.59 13.67 10.01
N TYR A 342 9.33 13.54 10.41
CA TYR A 342 8.70 12.23 10.61
C TYR A 342 8.81 11.44 9.30
N HIS A 343 8.45 12.05 8.17
CA HIS A 343 8.50 11.35 6.88
C HIS A 343 9.93 10.99 6.54
N LYS A 344 10.89 11.87 6.74
CA LYS A 344 12.30 11.57 6.46
C LYS A 344 12.75 10.37 7.32
N TYR A 345 12.41 10.39 8.61
CA TYR A 345 12.86 9.38 9.58
C TYR A 345 12.26 8.02 9.24
N VAL A 346 10.96 7.98 8.99
CA VAL A 346 10.30 6.71 8.64
C VAL A 346 10.90 6.16 7.34
N THR A 347 11.12 6.98 6.32
CA THR A 347 11.64 6.54 5.03
C THR A 347 13.05 5.98 5.23
N GLN A 348 13.91 6.72 5.92
CA GLN A 348 15.31 6.36 6.10
C GLN A 348 15.37 5.08 6.94
N GLN A 349 14.65 5.01 8.07
CA GLN A 349 14.77 3.89 8.99
C GLN A 349 14.12 2.63 8.39
N ALA A 350 13.09 2.79 7.59
CA ALA A 350 12.51 1.67 6.86
C ALA A 350 13.57 1.11 5.92
N LEU A 351 14.15 1.93 5.06
CA LEU A 351 15.08 1.45 4.05
C LEU A 351 16.28 0.78 4.73
N ALA A 352 16.76 1.32 5.86
CA ALA A 352 17.96 0.76 6.49
C ALA A 352 17.66 -0.64 6.98
N ARG A 353 16.40 -0.97 7.17
CA ARG A 353 15.98 -2.26 7.71
C ARG A 353 15.32 -3.14 6.66
N GLY A 354 15.36 -2.79 5.37
CA GLY A 354 14.81 -3.61 4.29
C GLY A 354 13.32 -3.50 4.05
N LEU A 355 12.69 -2.45 4.59
CA LEU A 355 11.28 -2.14 4.28
C LEU A 355 11.26 -1.11 3.15
N LEU A 356 10.34 -1.31 2.20
CA LEU A 356 10.25 -0.45 1.01
C LEU A 356 9.15 0.60 1.28
N PRO A 357 9.52 1.87 1.47
CA PRO A 357 8.51 2.87 1.88
C PRO A 357 7.61 3.43 0.76
N PHE A 358 6.32 3.20 0.92
CA PHE A 358 5.31 3.78 -0.01
C PHE A 358 4.42 4.79 0.73
N TYR A 359 4.62 6.05 0.36
CA TYR A 359 3.90 7.18 0.96
C TYR A 359 2.41 7.17 0.62
N TRP A 360 1.58 7.34 1.64
CA TRP A 360 0.11 7.39 1.45
C TRP A 360 -0.36 8.82 1.09
N ASP A 361 -0.77 8.98 -0.14
CA ASP A 361 -1.18 10.31 -0.69
C ASP A 361 -2.67 10.21 -1.03
N ASN A 362 -3.51 10.96 -0.28
CA ASN A 362 -4.96 10.94 -0.57
C ASN A 362 -5.39 12.07 -1.53
N GLY A 363 -4.42 12.79 -2.09
CA GLY A 363 -4.73 13.81 -3.10
C GLY A 363 -5.09 15.16 -2.50
N GLY A 364 -5.55 15.22 -1.26
CA GLY A 364 -6.01 16.50 -0.72
C GLY A 364 -4.86 17.42 -0.42
N ASN A 365 -5.12 18.72 -0.48
CA ASN A 365 -4.15 19.79 -0.16
C ASN A 365 -4.67 20.68 0.98
N ASP A 366 -5.73 20.28 1.65
CA ASP A 366 -6.37 21.07 2.71
C ASP A 366 -6.09 20.43 4.06
N ASN A 367 -6.77 20.87 5.07
CA ASN A 367 -6.47 20.40 6.42
C ASN A 367 -6.74 18.89 6.50
N PHE A 368 -5.87 18.20 7.24
CA PHE A 368 -6.03 16.77 7.56
C PHE A 368 -5.84 15.91 6.32
N SER A 369 -5.14 16.42 5.32
CA SER A 369 -4.90 15.71 4.05
C SER A 369 -3.45 15.22 3.96
N SER A 370 -3.18 14.47 2.88
CA SER A 370 -1.83 13.94 2.66
C SER A 370 -1.34 14.09 1.25
N GLY A 371 -2.04 14.82 0.39
CA GLY A 371 -1.56 14.98 -0.99
C GLY A 371 -0.33 15.82 -1.03
N ILE A 372 0.72 15.35 -1.69
CA ILE A 372 1.90 16.20 -1.85
CA ILE A 372 1.95 16.14 -1.88
C ILE A 372 1.84 16.89 -3.22
N PHE A 373 1.04 16.38 -4.17
CA PHE A 373 0.82 16.98 -5.49
C PHE A 373 -0.56 17.64 -5.49
N ASN A 374 -0.62 18.73 -6.24
CA ASN A 374 -1.92 19.28 -6.66
C ASN A 374 -2.34 18.47 -7.90
N ARG A 375 -3.29 17.55 -7.73
CA ARG A 375 -3.68 16.64 -8.81
C ARG A 375 -4.46 17.38 -9.89
N GLN A 376 -5.09 18.52 -9.53
CA GLN A 376 -5.95 19.21 -10.52
C GLN A 376 -5.07 19.85 -11.60
N GLN A 377 -3.86 20.26 -11.22
CA GLN A 377 -2.94 21.03 -12.07
C GLN A 377 -1.61 20.27 -12.31
N ASN A 378 -1.41 19.11 -11.70
CA ASN A 378 -0.17 18.31 -11.82
C ASN A 378 1.05 19.15 -11.47
N THR A 379 1.05 19.67 -10.26
CA THR A 379 2.15 20.45 -9.71
C THR A 379 2.47 19.91 -8.32
N VAL A 380 3.64 20.27 -7.80
CA VAL A 380 4.01 19.94 -6.43
C VAL A 380 3.38 20.97 -5.49
N PHE A 381 2.50 20.51 -4.62
CA PHE A 381 1.89 21.31 -3.56
C PHE A 381 2.77 21.45 -2.32
N ASP A 382 3.41 20.34 -1.90
CA ASP A 382 4.14 20.27 -0.63
C ASP A 382 5.57 19.81 -0.90
N GLN A 383 6.42 20.74 -1.28
CA GLN A 383 7.83 20.45 -1.58
C GLN A 383 8.55 20.10 -0.28
N GLN A 384 8.07 20.54 0.87
CA GLN A 384 8.74 20.33 2.16
C GLN A 384 8.69 18.84 2.48
N VAL A 385 7.51 18.22 2.39
CA VAL A 385 7.37 16.76 2.63
C VAL A 385 8.05 15.98 1.50
N LEU A 386 7.97 16.43 0.25
CA LEU A 386 8.66 15.73 -0.86
C LEU A 386 10.17 15.70 -0.62
N ASP A 387 10.73 16.80 -0.18
CA ASP A 387 12.16 16.94 0.06
C ASP A 387 12.53 15.95 1.16
N ALA A 388 11.72 15.84 2.19
CA ALA A 388 11.98 14.97 3.33
C ALA A 388 12.01 13.51 2.89
N LEU A 389 11.06 13.10 2.05
CA LEU A 389 10.99 11.73 1.56
C LEU A 389 12.25 11.44 0.74
N LEU A 390 12.66 12.37 -0.11
CA LEU A 390 13.81 12.15 -1.01
C LEU A 390 15.06 12.14 -0.17
N GLU A 391 15.19 12.99 0.84
CA GLU A 391 16.36 12.96 1.74
C GLU A 391 16.39 11.61 2.46
N GLY A 392 15.28 11.16 2.98
CA GLY A 392 15.16 9.88 3.67
C GLY A 392 15.65 8.73 2.79
N ALA A 393 15.33 8.76 1.50
CA ALA A 393 15.64 7.70 0.54
C ALA A 393 17.09 7.79 0.10
N GLY A 394 17.78 8.90 0.40
CA GLY A 394 19.21 9.07 0.05
C GLY A 394 19.31 9.65 -1.35
N ALA A 395 18.21 10.28 -1.79
CA ALA A 395 17.93 10.71 -3.16
C ALA A 395 18.19 12.23 -3.32
N GLN A 396 18.62 12.92 -2.25
CA GLN A 396 18.67 14.41 -2.20
C GLN A 396 19.37 14.88 -0.92
#